data_4GF2
#
_entry.id   4GF2
#
_cell.length_a   65.420
_cell.length_b   76.480
_cell.length_c   82.340
_cell.angle_alpha   90.00
_cell.angle_beta   96.80
_cell.angle_gamma   90.00
#
_symmetry.space_group_name_H-M   'P 1 21 1'
#
loop_
_entity.id
_entity.type
_entity.pdbx_description
1 polymer 'Erythrocyte binding antigen 140'
2 non-polymer GLYCEROL
3 water water
#
_entity_poly.entity_id   1
_entity_poly.type   'polypeptide(L)'
_entity_poly.pdbx_seq_one_letter_code
;QYTFIQKRTHLFACGIKRKSIKWICRENSEKITVCVPDRKIQLCIANFLNSRLETMEKFKEIFLISVNTEAKLLYNKNEG
KDPSIFCNELRNSFSDFRNSFIGDDMDFGGNTDRVKGYINKKFSDYYKEKNVEKLNNIKKEWWEKNKANLWNHMIVNHKG
NIAKECAIIPAEEPQINLWIKEWNENFLMEKKRLFLNIKDKCVENKKYEACFGGCRLPCSSYTSFMKKSKTQMEVLTNLY
KKKNSGVDKNNFLNDLFKKNNKNDLDDFFKNEKEYDDLCDCRYTATIIKSFLNGPAKNDVDIASQINVNDLRGFGCNYKS
NNEKSWNCAGTFTNKFPGTCEPPRRQTLCLGRTYLLHRGHEEDYKEHLLGASIYEAQLLKYKYKEKDENALCSIIQNSYA
DLADIIKGSDIIKDYYGKKMEENLNKVNKDKKRNEESLKIFREKWWDENKENVWKVMSAVLKNKETCKDYDKFQKIPQFL
RWFKEWGDDFCEKRKEKIYSFESFKVECKKKDCDENTCKNKCSEYKKWIDLKKSEYEKQVDKYTKDKNKKMYDNIDEVKN
KEANVYLKEKSKECKDVNFDDKIFNEAPNEYEDMCKKCDEIKYLNEIKYPKTKHD
;
_entity_poly.pdbx_strand_id   A
#
# COMPACT_ATOMS: atom_id res chain seq x y z
N THR A 3 -53.50 -1.42 -24.51
CA THR A 3 -53.09 -0.38 -25.45
C THR A 3 -51.68 0.09 -25.09
N PHE A 4 -51.33 1.30 -25.53
CA PHE A 4 -50.05 1.90 -25.19
C PHE A 4 -49.81 1.88 -23.69
N ILE A 5 -50.88 2.00 -22.92
CA ILE A 5 -50.80 1.90 -21.47
C ILE A 5 -50.25 0.54 -21.08
N GLN A 6 -50.74 -0.51 -21.74
CA GLN A 6 -50.34 -1.86 -21.45
C GLN A 6 -48.89 -2.11 -21.88
N LYS A 7 -48.42 -1.34 -22.85
CA LYS A 7 -47.02 -1.42 -23.27
C LYS A 7 -46.11 -0.90 -22.16
N ARG A 8 -46.54 0.17 -21.50
CA ARG A 8 -45.80 0.69 -20.35
C ARG A 8 -45.73 -0.39 -19.27
N THR A 9 -46.81 -1.14 -19.12
CA THR A 9 -46.86 -2.21 -18.12
C THR A 9 -45.73 -3.21 -18.35
N HIS A 10 -45.53 -3.60 -19.60
CA HIS A 10 -44.43 -4.51 -19.95
C HIS A 10 -43.08 -3.91 -19.56
N LEU A 11 -42.89 -2.64 -19.91
CA LEU A 11 -41.65 -1.94 -19.62
C LEU A 11 -41.35 -1.93 -18.13
N PHE A 12 -42.32 -1.53 -17.33
CA PHE A 12 -42.11 -1.40 -15.89
C PHE A 12 -42.10 -2.74 -15.17
N ALA A 13 -42.71 -3.75 -15.78
CA ALA A 13 -42.69 -5.09 -15.20
C ALA A 13 -41.23 -5.53 -15.00
N CYS A 14 -40.38 -5.22 -15.98
CA CYS A 14 -38.97 -5.56 -15.89
C CYS A 14 -38.20 -4.42 -15.22
N GLY A 15 -38.61 -3.18 -15.50
CA GLY A 15 -38.03 -2.03 -14.85
C GLY A 15 -36.79 -1.49 -15.54
N ILE A 16 -36.46 -0.24 -15.21
CA ILE A 16 -35.27 0.41 -15.74
C ILE A 16 -34.03 -0.41 -15.39
N LYS A 17 -33.05 -0.40 -16.29
CA LYS A 17 -31.82 -1.16 -16.08
C LYS A 17 -30.72 -0.27 -15.51
N ARG A 18 -29.84 -0.87 -14.73
CA ARG A 18 -28.65 -0.17 -14.25
C ARG A 18 -27.72 0.03 -15.43
N LYS A 19 -27.09 1.19 -15.50
CA LYS A 19 -26.25 1.55 -16.64
C LYS A 19 -24.82 1.02 -16.53
N SER A 20 -24.31 0.91 -15.31
CA SER A 20 -22.96 0.43 -15.09
C SER A 20 -22.84 -1.03 -15.54
N ILE A 21 -21.67 -1.37 -16.08
CA ILE A 21 -21.40 -2.74 -16.51
C ILE A 21 -20.57 -3.44 -15.43
N LYS A 22 -21.15 -4.46 -14.79
CA LYS A 22 -20.47 -5.16 -13.71
C LYS A 22 -20.69 -6.67 -13.78
N TRP A 23 -19.81 -7.42 -13.13
CA TRP A 23 -19.94 -8.87 -13.07
C TRP A 23 -19.96 -9.33 -11.62
N ILE A 24 -20.98 -10.08 -11.26
CA ILE A 24 -21.18 -10.49 -9.88
C ILE A 24 -20.88 -11.97 -9.71
N CYS A 25 -19.93 -12.28 -8.84
CA CYS A 25 -19.55 -13.65 -8.59
C CYS A 25 -20.17 -14.18 -7.30
N ARG A 26 -20.78 -15.35 -7.39
CA ARG A 26 -21.37 -16.02 -6.25
C ARG A 26 -21.15 -17.52 -6.40
N GLU A 27 -21.31 -18.27 -5.32
CA GLU A 27 -21.27 -19.72 -5.41
C GLU A 27 -22.69 -20.26 -5.47
N ASN A 28 -22.94 -21.18 -6.40
CA ASN A 28 -24.26 -21.78 -6.55
C ASN A 28 -24.44 -22.97 -5.59
N SER A 29 -25.56 -23.68 -5.74
CA SER A 29 -25.91 -24.76 -4.82
C SER A 29 -24.83 -25.83 -4.73
N GLU A 30 -24.09 -26.04 -5.83
CA GLU A 30 -23.06 -27.07 -5.85
C GLU A 30 -21.72 -26.55 -5.33
N LYS A 31 -21.76 -25.44 -4.60
CA LYS A 31 -20.55 -24.82 -4.06
C LYS A 31 -19.62 -24.34 -5.17
N ILE A 32 -20.15 -24.26 -6.39
CA ILE A 32 -19.38 -23.81 -7.53
C ILE A 32 -19.53 -22.30 -7.71
N THR A 33 -18.40 -21.60 -7.85
CA THR A 33 -18.41 -20.17 -8.10
C THR A 33 -18.68 -19.89 -9.58
N VAL A 34 -19.56 -18.92 -9.84
CA VAL A 34 -19.80 -18.43 -11.19
C VAL A 34 -19.87 -16.91 -11.20
N CYS A 35 -19.55 -16.31 -12.34
CA CYS A 35 -19.62 -14.86 -12.51
C CYS A 35 -20.65 -14.51 -13.56
N VAL A 36 -21.72 -13.84 -13.14
CA VAL A 36 -22.81 -13.49 -14.01
C VAL A 36 -22.80 -11.99 -14.32
N PRO A 37 -23.06 -11.64 -15.59
CA PRO A 37 -23.14 -10.21 -15.93
C PRO A 37 -24.44 -9.59 -15.46
N ASP A 38 -24.40 -8.35 -15.01
CA ASP A 38 -25.60 -7.67 -14.54
C ASP A 38 -26.65 -7.62 -15.66
N ARG A 39 -26.18 -7.60 -16.90
CA ARG A 39 -27.09 -7.59 -18.03
C ARG A 39 -27.99 -8.82 -17.99
N LYS A 40 -27.42 -9.96 -17.61
CA LYS A 40 -28.18 -11.20 -17.49
C LYS A 40 -29.09 -11.17 -16.26
N ILE A 41 -28.59 -10.63 -15.17
CA ILE A 41 -29.38 -10.50 -13.96
C ILE A 41 -30.67 -9.73 -14.22
N GLN A 42 -30.59 -8.72 -15.07
CA GLN A 42 -31.74 -7.84 -15.33
C GLN A 42 -32.48 -8.18 -16.62
N LEU A 43 -32.14 -9.30 -17.23
CA LEU A 43 -32.82 -9.75 -18.43
C LEU A 43 -34.33 -9.67 -18.22
N CYS A 44 -35.04 -9.14 -19.22
CA CYS A 44 -36.46 -8.89 -19.08
C CYS A 44 -37.28 -10.18 -19.14
N ILE A 45 -37.73 -10.66 -17.99
CA ILE A 45 -38.46 -11.92 -17.91
C ILE A 45 -39.71 -11.84 -17.03
N ALA A 46 -39.88 -10.74 -16.31
CA ALA A 46 -40.99 -10.58 -15.39
C ALA A 46 -42.34 -10.90 -16.03
N ASN A 47 -42.48 -10.52 -17.30
CA ASN A 47 -43.77 -10.67 -17.98
C ASN A 47 -44.26 -12.11 -18.00
N PHE A 48 -43.33 -13.05 -18.02
CA PHE A 48 -43.68 -14.47 -17.96
C PHE A 48 -44.50 -14.78 -16.70
N LEU A 49 -44.18 -14.08 -15.61
CA LEU A 49 -44.83 -14.33 -14.33
C LEU A 49 -46.19 -13.65 -14.20
N ASN A 50 -46.47 -12.71 -15.10
CA ASN A 50 -47.74 -12.01 -15.07
C ASN A 50 -48.79 -12.65 -15.98
N SER A 51 -48.45 -13.78 -16.57
CA SER A 51 -49.37 -14.47 -17.46
C SER A 51 -49.60 -15.91 -17.00
N ARG A 52 -50.81 -16.41 -17.23
CA ARG A 52 -51.12 -17.80 -16.91
C ARG A 52 -50.51 -18.74 -17.95
N LEU A 53 -50.03 -18.17 -19.05
CA LEU A 53 -49.44 -18.96 -20.13
C LEU A 53 -50.36 -20.10 -20.49
N GLU A 54 -51.63 -19.77 -20.69
CA GLU A 54 -52.69 -20.76 -20.87
C GLU A 54 -52.40 -21.69 -22.03
N THR A 55 -51.91 -21.13 -23.13
CA THR A 55 -51.65 -21.90 -24.34
C THR A 55 -50.25 -21.63 -24.87
N MET A 56 -49.85 -22.37 -25.88
CA MET A 56 -48.54 -22.19 -26.50
C MET A 56 -48.51 -20.88 -27.27
N GLU A 57 -49.64 -20.52 -27.86
CA GLU A 57 -49.76 -19.24 -28.55
C GLU A 57 -49.44 -18.12 -27.56
N LYS A 58 -50.00 -18.23 -26.37
CA LYS A 58 -49.78 -17.22 -25.34
C LYS A 58 -48.31 -17.17 -24.95
N PHE A 59 -47.73 -18.34 -24.69
CA PHE A 59 -46.31 -18.41 -24.33
C PHE A 59 -45.45 -17.72 -25.38
N LYS A 60 -45.79 -17.93 -26.65
CA LYS A 60 -45.08 -17.29 -27.75
C LYS A 60 -45.24 -15.79 -27.67
N GLU A 61 -46.47 -15.35 -27.46
CA GLU A 61 -46.79 -13.93 -27.39
C GLU A 61 -46.01 -13.24 -26.28
N ILE A 62 -45.91 -13.90 -25.13
CA ILE A 62 -45.21 -13.34 -23.99
C ILE A 62 -43.71 -13.32 -24.23
N PHE A 63 -43.22 -14.30 -24.97
CA PHE A 63 -41.81 -14.36 -25.29
C PHE A 63 -41.48 -13.21 -26.22
N LEU A 64 -42.36 -12.95 -27.17
CA LEU A 64 -42.18 -11.84 -28.10
C LEU A 64 -42.12 -10.52 -27.34
N ILE A 65 -42.98 -10.40 -26.33
CA ILE A 65 -43.01 -9.19 -25.52
C ILE A 65 -41.72 -9.04 -24.72
N SER A 66 -41.20 -10.15 -24.21
CA SER A 66 -40.00 -10.11 -23.40
C SER A 66 -38.78 -9.63 -24.19
N VAL A 67 -38.56 -10.19 -25.37
CA VAL A 67 -37.38 -9.82 -26.16
C VAL A 67 -37.47 -8.37 -26.65
N ASN A 68 -38.65 -7.99 -27.12
CA ASN A 68 -38.88 -6.64 -27.62
C ASN A 68 -38.72 -5.60 -26.51
N THR A 69 -39.15 -5.95 -25.30
CA THR A 69 -39.04 -5.04 -24.17
C THR A 69 -37.57 -4.94 -23.75
N GLU A 70 -36.90 -6.08 -23.71
CA GLU A 70 -35.48 -6.11 -23.38
C GLU A 70 -34.71 -5.13 -24.27
N ALA A 71 -35.05 -5.11 -25.56
CA ALA A 71 -34.42 -4.20 -26.51
C ALA A 71 -34.61 -2.72 -26.15
N LYS A 72 -35.87 -2.31 -25.93
CA LYS A 72 -36.16 -0.94 -25.52
C LYS A 72 -35.32 -0.54 -24.30
N LEU A 73 -35.35 -1.40 -23.29
CA LEU A 73 -34.69 -1.09 -22.03
C LEU A 73 -33.18 -1.01 -22.23
N LEU A 74 -32.65 -1.86 -23.10
CA LEU A 74 -31.24 -1.82 -23.44
C LEU A 74 -30.91 -0.53 -24.18
N TYR A 75 -31.83 -0.08 -25.02
CA TYR A 75 -31.61 1.15 -25.76
C TYR A 75 -31.52 2.33 -24.80
N ASN A 76 -32.44 2.39 -23.85
CA ASN A 76 -32.42 3.46 -22.86
C ASN A 76 -31.15 3.38 -22.01
N LYS A 77 -30.72 2.16 -21.72
CA LYS A 77 -29.52 1.93 -20.95
C LYS A 77 -28.30 2.51 -21.66
N ASN A 78 -28.20 2.23 -22.95
CA ASN A 78 -27.00 2.55 -23.71
C ASN A 78 -27.03 3.90 -24.42
N GLU A 79 -28.06 4.69 -24.18
CA GLU A 79 -28.08 6.06 -24.69
C GLU A 79 -26.82 6.75 -24.21
N GLY A 80 -26.13 7.43 -25.12
CA GLY A 80 -24.93 8.16 -24.78
C GLY A 80 -23.66 7.33 -24.88
N LYS A 81 -23.83 6.02 -25.06
CA LYS A 81 -22.68 5.13 -25.20
C LYS A 81 -22.41 4.86 -26.67
N ASP A 82 -21.19 4.41 -26.97
CA ASP A 82 -20.86 4.00 -28.33
C ASP A 82 -21.89 2.99 -28.77
N PRO A 83 -22.47 3.18 -29.96
CA PRO A 83 -23.55 2.31 -30.44
C PRO A 83 -23.13 0.84 -30.56
N SER A 84 -21.84 0.57 -30.65
CA SER A 84 -21.38 -0.82 -30.74
C SER A 84 -21.76 -1.59 -29.47
N ILE A 85 -21.92 -0.85 -28.37
CA ILE A 85 -22.24 -1.48 -27.09
C ILE A 85 -23.67 -1.98 -27.09
N PHE A 86 -24.61 -1.10 -27.47
CA PHE A 86 -26.00 -1.49 -27.60
C PHE A 86 -26.14 -2.68 -28.53
N CYS A 87 -25.37 -2.68 -29.62
CA CYS A 87 -25.38 -3.78 -30.57
C CYS A 87 -25.03 -5.11 -29.89
N ASN A 88 -23.91 -5.12 -29.18
CA ASN A 88 -23.45 -6.35 -28.53
C ASN A 88 -24.39 -6.84 -27.44
N GLU A 89 -25.02 -5.90 -26.72
CA GLU A 89 -25.89 -6.27 -25.62
C GLU A 89 -27.22 -6.82 -26.14
N LEU A 90 -27.69 -6.30 -27.27
CA LEU A 90 -28.85 -6.88 -27.94
C LEU A 90 -28.59 -8.34 -28.23
N ARG A 91 -27.44 -8.60 -28.85
CA ARG A 91 -27.09 -9.95 -29.29
C ARG A 91 -26.89 -10.86 -28.09
N ASN A 92 -26.17 -10.38 -27.09
CA ASN A 92 -25.84 -11.20 -25.93
C ASN A 92 -27.06 -11.51 -25.09
N SER A 93 -28.02 -10.61 -25.07
CA SER A 93 -29.25 -10.87 -24.33
C SER A 93 -30.12 -11.87 -25.09
N PHE A 94 -30.12 -11.78 -26.42
CA PHE A 94 -30.86 -12.75 -27.22
C PHE A 94 -30.33 -14.15 -26.95
N SER A 95 -29.01 -14.25 -26.85
CA SER A 95 -28.37 -15.53 -26.62
C SER A 95 -28.73 -16.09 -25.25
N ASP A 96 -28.85 -15.22 -24.26
CA ASP A 96 -29.21 -15.64 -22.92
C ASP A 96 -30.67 -16.08 -22.84
N PHE A 97 -31.52 -15.43 -23.62
CA PHE A 97 -32.91 -15.90 -23.74
C PHE A 97 -32.91 -17.34 -24.22
N ARG A 98 -32.07 -17.62 -25.21
CA ARG A 98 -31.96 -18.97 -25.77
C ARG A 98 -31.41 -19.95 -24.74
N ASN A 99 -30.26 -19.60 -24.15
CA ASN A 99 -29.53 -20.52 -23.30
C ASN A 99 -30.18 -20.76 -21.94
N SER A 100 -30.87 -19.76 -21.41
CA SER A 100 -31.61 -19.94 -20.17
C SER A 100 -32.90 -20.70 -20.42
N PHE A 101 -33.30 -20.76 -21.70
CA PHE A 101 -34.50 -21.47 -22.08
C PHE A 101 -34.20 -22.95 -22.33
N ILE A 102 -33.01 -23.25 -22.82
CA ILE A 102 -32.66 -24.63 -23.18
C ILE A 102 -31.74 -25.30 -22.16
N GLY A 103 -31.71 -24.77 -20.95
CA GLY A 103 -30.99 -25.40 -19.86
C GLY A 103 -29.47 -25.27 -19.91
N ASP A 104 -28.98 -24.16 -20.43
CA ASP A 104 -27.55 -23.88 -20.42
C ASP A 104 -27.29 -22.52 -19.80
N ASP A 105 -27.48 -22.43 -18.49
CA ASP A 105 -27.42 -21.15 -17.80
C ASP A 105 -26.67 -21.27 -16.47
N MET A 106 -25.67 -20.42 -16.28
CA MET A 106 -24.91 -20.39 -15.03
C MET A 106 -25.58 -19.46 -14.00
N ASP A 107 -26.40 -18.54 -14.50
CA ASP A 107 -27.15 -17.62 -13.64
C ASP A 107 -28.24 -18.38 -12.88
N PHE A 108 -28.45 -18.02 -11.62
CA PHE A 108 -29.38 -18.75 -10.77
C PHE A 108 -30.04 -17.86 -9.72
N GLY A 109 -30.94 -18.45 -8.94
CA GLY A 109 -31.64 -17.72 -7.90
C GLY A 109 -32.60 -16.68 -8.42
N GLY A 110 -33.32 -16.04 -7.51
CA GLY A 110 -34.23 -14.96 -7.85
C GLY A 110 -35.22 -15.33 -8.95
N ASN A 111 -35.62 -14.34 -9.72
CA ASN A 111 -36.58 -14.55 -10.80
C ASN A 111 -36.07 -15.49 -11.88
N THR A 112 -34.75 -15.52 -12.05
CA THR A 112 -34.17 -16.40 -13.06
C THR A 112 -34.66 -17.83 -12.87
N ASP A 113 -34.66 -18.32 -11.64
CA ASP A 113 -35.11 -19.69 -11.40
C ASP A 113 -36.62 -19.74 -11.25
N ARG A 114 -37.21 -18.65 -10.76
CA ARG A 114 -38.65 -18.56 -10.62
C ARG A 114 -39.31 -18.71 -12.01
N VAL A 115 -38.81 -17.98 -12.99
CA VAL A 115 -39.36 -18.04 -14.35
C VAL A 115 -39.00 -19.35 -15.04
N LYS A 116 -37.75 -19.76 -14.90
CA LYS A 116 -37.29 -21.03 -15.47
C LYS A 116 -38.17 -22.19 -15.02
N GLY A 117 -38.35 -22.33 -13.71
CA GLY A 117 -39.17 -23.39 -13.14
C GLY A 117 -40.61 -23.32 -13.62
N TYR A 118 -41.13 -22.10 -13.74
CA TYR A 118 -42.49 -21.89 -14.21
C TYR A 118 -42.63 -22.30 -15.67
N ILE A 119 -41.69 -21.87 -16.50
CA ILE A 119 -41.70 -22.21 -17.91
C ILE A 119 -41.66 -23.72 -18.10
N ASN A 120 -40.84 -24.39 -17.29
CA ASN A 120 -40.76 -25.85 -17.34
C ASN A 120 -42.08 -26.50 -16.95
N LYS A 121 -42.75 -25.95 -15.95
CA LYS A 121 -44.01 -26.48 -15.49
C LYS A 121 -45.07 -26.34 -16.57
N LYS A 122 -45.06 -25.22 -17.27
CA LYS A 122 -46.04 -24.98 -18.33
C LYS A 122 -45.79 -25.91 -19.51
N PHE A 123 -44.52 -26.15 -19.82
CA PHE A 123 -44.20 -27.06 -20.91
C PHE A 123 -44.48 -28.51 -20.52
N SER A 124 -44.49 -28.78 -19.22
CA SER A 124 -44.98 -30.07 -18.72
C SER A 124 -46.44 -30.23 -19.07
N ASP A 125 -47.20 -29.15 -18.88
CA ASP A 125 -48.62 -29.16 -19.20
C ASP A 125 -48.84 -29.25 -20.71
N TYR A 126 -48.08 -28.46 -21.47
CA TYR A 126 -48.24 -28.40 -22.91
C TYR A 126 -48.06 -29.78 -23.54
N TYR A 127 -47.01 -30.48 -23.13
CA TYR A 127 -46.66 -31.76 -23.75
C TYR A 127 -46.97 -32.96 -22.86
N LYS A 128 -47.34 -32.70 -21.61
CA LYS A 128 -47.60 -33.77 -20.67
C LYS A 128 -46.40 -34.72 -20.62
N GLU A 129 -45.24 -34.12 -20.34
CA GLU A 129 -43.99 -34.87 -20.24
C GLU A 129 -43.19 -34.34 -19.07
N LYS A 130 -42.77 -35.23 -18.18
CA LYS A 130 -42.04 -34.82 -16.98
C LYS A 130 -40.56 -35.19 -17.06
N ASN A 131 -40.19 -36.00 -18.03
CA ASN A 131 -38.79 -36.34 -18.26
C ASN A 131 -38.02 -35.06 -18.61
N VAL A 132 -37.23 -34.56 -17.67
CA VAL A 132 -36.56 -33.27 -17.83
C VAL A 132 -35.72 -33.24 -19.09
N GLU A 133 -35.01 -34.33 -19.37
CA GLU A 133 -34.18 -34.42 -20.55
C GLU A 133 -35.00 -34.23 -21.83
N LYS A 134 -36.13 -34.95 -21.91
CA LYS A 134 -37.02 -34.86 -23.06
C LYS A 134 -37.56 -33.43 -23.19
N LEU A 135 -37.97 -32.84 -22.07
CA LEU A 135 -38.46 -31.47 -22.07
C LEU A 135 -37.43 -30.52 -22.65
N ASN A 136 -36.19 -30.67 -22.20
CA ASN A 136 -35.11 -29.82 -22.68
C ASN A 136 -35.01 -29.91 -24.20
N ASN A 137 -35.11 -31.13 -24.73
CA ASN A 137 -35.09 -31.34 -26.17
C ASN A 137 -36.29 -30.70 -26.86
N ILE A 138 -37.46 -30.83 -26.25
CA ILE A 138 -38.66 -30.18 -26.77
C ILE A 138 -38.46 -28.66 -26.88
N LYS A 139 -37.84 -28.08 -25.86
CA LYS A 139 -37.60 -26.65 -25.82
C LYS A 139 -36.58 -26.25 -26.88
N LYS A 140 -35.58 -27.10 -27.09
CA LYS A 140 -34.57 -26.84 -28.10
C LYS A 140 -35.22 -26.79 -29.48
N GLU A 141 -36.09 -27.76 -29.75
CA GLU A 141 -36.82 -27.78 -31.02
C GLU A 141 -37.70 -26.54 -31.14
N TRP A 142 -38.38 -26.19 -30.05
CA TRP A 142 -39.26 -25.03 -30.06
C TRP A 142 -38.47 -23.77 -30.40
N TRP A 143 -37.32 -23.60 -29.76
CA TRP A 143 -36.48 -22.45 -30.06
C TRP A 143 -36.10 -22.45 -31.54
N GLU A 144 -35.75 -23.62 -32.05
CA GLU A 144 -35.35 -23.75 -33.46
C GLU A 144 -36.40 -23.12 -34.37
N LYS A 145 -37.66 -23.40 -34.10
CA LYS A 145 -38.74 -22.98 -34.98
C LYS A 145 -39.16 -21.52 -34.77
N ASN A 146 -38.86 -20.97 -33.60
CA ASN A 146 -39.35 -19.64 -33.25
C ASN A 146 -38.26 -18.57 -33.19
N LYS A 147 -37.00 -18.99 -33.20
CA LYS A 147 -35.89 -18.07 -32.99
C LYS A 147 -35.84 -16.93 -34.01
N ALA A 148 -36.01 -17.27 -35.28
CA ALA A 148 -35.93 -16.27 -36.34
C ALA A 148 -36.94 -15.16 -36.10
N ASN A 149 -38.16 -15.55 -35.76
CA ASN A 149 -39.22 -14.58 -35.48
C ASN A 149 -38.96 -13.81 -34.18
N LEU A 150 -38.42 -14.48 -33.17
CA LEU A 150 -38.10 -13.83 -31.91
C LEU A 150 -37.01 -12.77 -32.08
N TRP A 151 -35.97 -13.11 -32.83
CA TRP A 151 -34.88 -12.16 -33.09
C TRP A 151 -35.41 -10.96 -33.86
N ASN A 152 -36.07 -11.23 -34.98
CA ASN A 152 -36.61 -10.17 -35.81
C ASN A 152 -37.47 -9.19 -35.02
N HIS A 153 -38.31 -9.72 -34.14
CA HIS A 153 -39.21 -8.87 -33.38
C HIS A 153 -38.47 -8.14 -32.27
N MET A 154 -37.42 -8.77 -31.77
CA MET A 154 -36.60 -8.17 -30.73
C MET A 154 -35.95 -6.87 -31.21
N ILE A 155 -35.53 -6.83 -32.47
CA ILE A 155 -34.81 -5.69 -32.98
C ILE A 155 -35.64 -4.82 -33.91
N VAL A 156 -36.92 -5.16 -34.09
CA VAL A 156 -37.75 -4.50 -35.10
C VAL A 156 -37.80 -2.98 -34.95
N ASN A 157 -37.76 -2.49 -33.72
CA ASN A 157 -37.83 -1.06 -33.47
C ASN A 157 -36.46 -0.39 -33.39
N HIS A 158 -35.39 -1.15 -33.55
CA HIS A 158 -34.05 -0.62 -33.39
C HIS A 158 -33.08 -0.99 -34.52
N LYS A 159 -33.59 -1.58 -35.59
CA LYS A 159 -32.72 -1.97 -36.70
C LYS A 159 -31.92 -0.78 -37.20
N GLY A 160 -32.55 0.40 -37.22
CA GLY A 160 -31.90 1.61 -37.70
C GLY A 160 -30.84 2.17 -36.77
N ASN A 161 -30.84 1.75 -35.51
CA ASN A 161 -29.88 2.27 -34.54
C ASN A 161 -28.62 1.44 -34.43
N ILE A 162 -28.52 0.39 -35.24
CA ILE A 162 -27.37 -0.50 -35.20
C ILE A 162 -26.86 -0.74 -36.61
N ALA A 163 -25.61 -1.18 -36.71
CA ALA A 163 -25.00 -1.47 -38.01
C ALA A 163 -25.81 -2.51 -38.76
N LYS A 164 -25.75 -2.46 -40.09
CA LYS A 164 -26.43 -3.41 -40.93
C LYS A 164 -26.11 -4.84 -40.49
N GLU A 165 -24.84 -5.08 -40.18
CA GLU A 165 -24.36 -6.43 -39.89
C GLU A 165 -24.81 -6.91 -38.52
N CYS A 166 -25.17 -6.00 -37.63
CA CYS A 166 -25.63 -6.39 -36.30
C CYS A 166 -27.06 -6.95 -36.33
N ALA A 167 -27.76 -6.72 -37.44
CA ALA A 167 -29.14 -7.19 -37.58
C ALA A 167 -29.21 -8.67 -37.94
N ILE A 168 -28.06 -9.27 -38.24
CA ILE A 168 -28.02 -10.71 -38.52
C ILE A 168 -28.09 -11.50 -37.23
N ILE A 169 -29.07 -12.39 -37.15
CA ILE A 169 -29.26 -13.23 -35.95
C ILE A 169 -27.93 -13.81 -35.49
N PRO A 170 -27.66 -13.76 -34.17
CA PRO A 170 -26.41 -14.25 -33.62
C PRO A 170 -26.24 -15.76 -33.79
N ALA A 171 -25.03 -16.19 -34.14
CA ALA A 171 -24.73 -17.61 -34.21
C ALA A 171 -24.91 -18.22 -32.82
N GLU A 172 -25.28 -19.48 -32.79
CA GLU A 172 -25.49 -20.20 -31.55
C GLU A 172 -24.17 -20.73 -30.99
N GLU A 173 -23.91 -20.41 -29.73
CA GLU A 173 -22.70 -20.86 -29.05
C GLU A 173 -23.01 -21.12 -27.58
N PRO A 174 -22.21 -21.97 -26.93
CA PRO A 174 -22.37 -22.18 -25.49
C PRO A 174 -22.33 -20.86 -24.73
N GLN A 175 -23.09 -20.78 -23.64
CA GLN A 175 -23.19 -19.53 -22.89
C GLN A 175 -21.83 -19.04 -22.42
N ILE A 176 -21.01 -19.97 -21.92
CA ILE A 176 -19.74 -19.60 -21.32
C ILE A 176 -18.77 -19.01 -22.34
N ASN A 177 -18.88 -19.46 -23.59
CA ASN A 177 -18.09 -18.89 -24.67
C ASN A 177 -18.52 -17.44 -24.88
N LEU A 178 -19.83 -17.22 -24.97
CA LEU A 178 -20.37 -15.89 -25.17
C LEU A 178 -20.06 -14.98 -24.00
N TRP A 179 -20.14 -15.51 -22.78
CA TRP A 179 -19.87 -14.69 -21.59
C TRP A 179 -18.41 -14.26 -21.52
N ILE A 180 -17.50 -15.20 -21.79
CA ILE A 180 -16.08 -14.88 -21.80
C ILE A 180 -15.80 -13.76 -22.79
N LYS A 181 -16.35 -13.87 -23.99
CA LYS A 181 -16.17 -12.86 -25.02
C LYS A 181 -16.68 -11.50 -24.55
N GLU A 182 -17.88 -11.49 -23.99
CA GLU A 182 -18.49 -10.26 -23.51
C GLU A 182 -17.63 -9.66 -22.40
N TRP A 183 -17.25 -10.50 -21.44
CA TRP A 183 -16.44 -10.05 -20.32
C TRP A 183 -15.13 -9.46 -20.81
N ASN A 184 -14.49 -10.13 -21.77
CA ASN A 184 -13.24 -9.64 -22.34
C ASN A 184 -13.41 -8.23 -22.90
N GLU A 185 -14.49 -8.01 -23.62
CA GLU A 185 -14.77 -6.68 -24.18
C GLU A 185 -15.05 -5.66 -23.08
N ASN A 186 -15.88 -6.02 -22.11
CA ASN A 186 -16.16 -5.14 -21.00
C ASN A 186 -14.86 -4.74 -20.31
N PHE A 187 -13.94 -5.70 -20.21
CA PHE A 187 -12.69 -5.51 -19.48
C PHE A 187 -11.75 -4.53 -20.19
N LEU A 188 -11.54 -4.73 -21.48
CA LEU A 188 -10.62 -3.90 -22.24
C LEU A 188 -11.11 -2.46 -22.29
N MET A 189 -12.42 -2.28 -22.28
CA MET A 189 -12.99 -0.94 -22.36
C MET A 189 -12.73 -0.19 -21.06
N GLU A 190 -13.08 -0.83 -19.94
CA GLU A 190 -12.91 -0.20 -18.64
C GLU A 190 -11.41 -0.02 -18.34
N LYS A 191 -10.60 -0.93 -18.88
CA LYS A 191 -9.16 -0.87 -18.70
C LYS A 191 -8.57 0.38 -19.36
N LYS A 192 -8.94 0.61 -20.62
CA LYS A 192 -8.52 1.81 -21.32
C LYS A 192 -8.91 3.06 -20.54
N ARG A 193 -10.20 3.15 -20.21
CA ARG A 193 -10.72 4.34 -19.55
C ARG A 193 -9.97 4.63 -18.26
N LEU A 194 -9.79 3.61 -17.42
CA LEU A 194 -9.11 3.80 -16.15
C LEU A 194 -7.66 4.23 -16.36
N PHE A 195 -7.04 3.75 -17.44
CA PHE A 195 -5.64 4.08 -17.69
C PHE A 195 -5.49 5.47 -18.27
N LEU A 196 -6.47 5.92 -19.06
CA LEU A 196 -6.45 7.27 -19.60
C LEU A 196 -6.54 8.27 -18.47
N ASN A 197 -7.35 7.97 -17.47
CA ASN A 197 -7.40 8.81 -16.27
C ASN A 197 -6.02 8.90 -15.63
N ILE A 198 -5.31 7.78 -15.59
CA ILE A 198 -3.96 7.77 -15.03
C ILE A 198 -3.04 8.71 -15.80
N LYS A 199 -3.10 8.67 -17.13
CA LYS A 199 -2.29 9.56 -17.96
C LYS A 199 -2.64 11.01 -17.68
N ASP A 200 -3.94 11.30 -17.73
CA ASP A 200 -4.43 12.66 -17.52
C ASP A 200 -3.90 13.27 -16.23
N LYS A 201 -3.98 12.53 -15.13
CA LYS A 201 -3.64 13.06 -13.82
C LYS A 201 -2.16 12.90 -13.47
N CYS A 202 -1.52 11.89 -14.03
CA CYS A 202 -0.13 11.60 -13.71
C CYS A 202 0.80 12.21 -14.75
N VAL A 203 0.26 12.52 -15.92
CA VAL A 203 1.03 13.11 -17.00
C VAL A 203 2.17 12.15 -17.37
N GLU A 204 3.40 12.53 -17.05
CA GLU A 204 4.56 11.66 -17.28
C GLU A 204 5.22 11.27 -15.96
N ASN A 205 4.66 11.75 -14.86
CA ASN A 205 5.19 11.43 -13.54
C ASN A 205 6.65 11.86 -13.41
N LYS A 206 7.02 12.96 -14.06
CA LYS A 206 8.37 13.49 -13.94
C LYS A 206 8.44 14.64 -12.94
N LYS A 207 7.30 14.99 -12.36
CA LYS A 207 7.23 16.05 -11.37
C LYS A 207 6.65 15.49 -10.07
N TYR A 208 6.96 14.23 -9.79
CA TYR A 208 6.50 13.59 -8.56
C TYR A 208 4.98 13.57 -8.44
N GLU A 209 4.30 13.47 -9.58
CA GLU A 209 2.83 13.44 -9.58
C GLU A 209 2.29 12.24 -8.82
N ALA A 210 2.96 11.10 -8.97
CA ALA A 210 2.51 9.87 -8.32
C ALA A 210 2.67 9.92 -6.81
N CYS A 211 3.29 10.99 -6.31
CA CYS A 211 3.46 11.17 -4.88
C CYS A 211 2.27 11.90 -4.24
N PHE A 212 1.26 12.25 -5.05
CA PHE A 212 0.11 12.99 -4.55
C PHE A 212 -1.22 12.39 -4.99
N GLY A 213 -2.25 12.63 -4.18
CA GLY A 213 -3.57 12.04 -4.39
C GLY A 213 -4.14 12.18 -5.78
N GLY A 214 -3.89 13.30 -6.45
CA GLY A 214 -4.41 13.53 -7.78
C GLY A 214 -4.12 12.36 -8.71
N CYS A 215 -2.90 11.83 -8.60
CA CYS A 215 -2.45 10.74 -9.45
C CYS A 215 -2.64 9.38 -8.76
N ARG A 216 -2.43 9.34 -7.44
CA ARG A 216 -2.49 8.08 -6.72
C ARG A 216 -3.88 7.47 -6.70
N LEU A 217 -4.91 8.30 -6.85
CA LEU A 217 -6.28 7.78 -6.84
C LEU A 217 -6.61 6.99 -8.10
N PRO A 218 -6.43 7.59 -9.29
CA PRO A 218 -6.66 6.77 -10.49
C PRO A 218 -5.75 5.55 -10.55
N CYS A 219 -4.51 5.69 -10.08
CA CYS A 219 -3.59 4.55 -10.02
C CYS A 219 -4.18 3.46 -9.14
N SER A 220 -4.72 3.88 -8.00
CA SER A 220 -5.29 2.95 -7.04
C SER A 220 -6.55 2.30 -7.59
N SER A 221 -7.38 3.09 -8.24
CA SER A 221 -8.61 2.59 -8.85
C SER A 221 -8.25 1.53 -9.89
N TYR A 222 -7.25 1.82 -10.70
CA TYR A 222 -6.82 0.90 -11.75
C TYR A 222 -6.33 -0.42 -11.16
N THR A 223 -5.56 -0.34 -10.08
CA THR A 223 -5.05 -1.54 -9.43
C THR A 223 -6.17 -2.44 -8.96
N SER A 224 -7.10 -1.90 -8.19
CA SER A 224 -8.18 -2.72 -7.63
C SER A 224 -9.01 -3.34 -8.75
N PHE A 225 -9.19 -2.61 -9.83
CA PHE A 225 -9.98 -3.09 -10.96
C PHE A 225 -9.31 -4.30 -11.61
N MET A 226 -7.98 -4.30 -11.65
CA MET A 226 -7.24 -5.43 -12.19
C MET A 226 -7.33 -6.63 -11.24
N LYS A 227 -7.23 -6.37 -9.94
CA LYS A 227 -7.37 -7.43 -8.95
C LYS A 227 -8.72 -8.13 -9.12
N LYS A 228 -9.80 -7.35 -9.08
CA LYS A 228 -11.14 -7.89 -9.24
C LYS A 228 -11.28 -8.62 -10.57
N SER A 229 -10.77 -8.01 -11.64
CA SER A 229 -10.87 -8.60 -12.97
C SER A 229 -10.13 -9.93 -13.06
N LYS A 230 -8.98 -10.03 -12.41
CA LYS A 230 -8.19 -11.26 -12.47
C LYS A 230 -8.91 -12.44 -11.83
N THR A 231 -9.55 -12.20 -10.69
CA THR A 231 -10.28 -13.27 -10.01
C THR A 231 -11.47 -13.67 -10.87
N GLN A 232 -12.11 -12.69 -11.49
CA GLN A 232 -13.27 -12.95 -12.35
C GLN A 232 -12.89 -13.85 -13.52
N MET A 233 -11.82 -13.50 -14.21
CA MET A 233 -11.41 -14.26 -15.38
C MET A 233 -11.00 -15.67 -14.98
N GLU A 234 -10.37 -15.81 -13.82
CA GLU A 234 -10.01 -17.13 -13.33
C GLU A 234 -11.25 -18.02 -13.27
N VAL A 235 -12.29 -17.53 -12.61
CA VAL A 235 -13.54 -18.27 -12.52
C VAL A 235 -14.03 -18.67 -13.90
N LEU A 236 -14.23 -17.68 -14.76
CA LEU A 236 -14.76 -17.90 -16.09
C LEU A 236 -13.90 -18.87 -16.89
N THR A 237 -12.59 -18.75 -16.74
CA THR A 237 -11.66 -19.55 -17.52
C THR A 237 -11.64 -20.99 -17.03
N ASN A 238 -11.83 -21.18 -15.73
CA ASN A 238 -11.89 -22.52 -15.15
C ASN A 238 -13.20 -23.19 -15.54
N LEU A 239 -14.28 -22.41 -15.55
CA LEU A 239 -15.59 -22.91 -15.95
C LEU A 239 -15.58 -23.38 -17.40
N TYR A 240 -14.77 -22.74 -18.22
CA TYR A 240 -14.63 -23.16 -19.61
C TYR A 240 -14.05 -24.56 -19.67
N LYS A 241 -12.86 -24.73 -19.10
CA LYS A 241 -12.20 -26.03 -19.07
C LYS A 241 -13.12 -27.09 -18.51
N LYS A 242 -13.77 -26.77 -17.39
CA LYS A 242 -14.64 -27.72 -16.71
C LYS A 242 -15.80 -28.17 -17.60
N LYS A 243 -16.28 -27.28 -18.46
CA LYS A 243 -17.38 -27.60 -19.34
C LYS A 243 -16.90 -28.28 -20.62
N ASN A 244 -15.59 -28.50 -20.71
CA ASN A 244 -15.01 -29.19 -21.85
C ASN A 244 -14.00 -30.25 -21.44
N SER A 245 -14.40 -31.08 -20.48
CA SER A 245 -13.56 -32.19 -20.03
C SER A 245 -12.19 -31.70 -19.59
N GLY A 246 -12.13 -30.52 -18.98
CA GLY A 246 -10.88 -29.97 -18.48
C GLY A 246 -9.88 -29.64 -19.58
N VAL A 247 -10.38 -29.30 -20.76
CA VAL A 247 -9.51 -28.99 -21.89
C VAL A 247 -9.88 -27.65 -22.53
N ASP A 248 -8.86 -26.91 -22.99
CA ASP A 248 -9.08 -25.68 -23.72
C ASP A 248 -9.53 -26.00 -25.14
N LYS A 249 -10.74 -26.55 -25.26
CA LYS A 249 -11.27 -26.95 -26.56
C LYS A 249 -11.05 -25.87 -27.62
N ASN A 250 -10.35 -26.23 -28.68
CA ASN A 250 -10.15 -25.35 -29.84
C ASN A 250 -9.37 -24.08 -29.51
N ASN A 251 -8.51 -24.14 -28.51
CA ASN A 251 -7.65 -23.02 -28.17
C ASN A 251 -8.43 -21.74 -27.90
N PHE A 252 -9.71 -21.87 -27.59
CA PHE A 252 -10.54 -20.71 -27.32
C PHE A 252 -9.84 -19.76 -26.36
N LEU A 253 -9.49 -20.26 -25.18
CA LEU A 253 -8.84 -19.41 -24.17
C LEU A 253 -7.49 -18.92 -24.67
N ASN A 254 -6.72 -19.83 -25.25
CA ASN A 254 -5.40 -19.49 -25.77
C ASN A 254 -5.48 -18.40 -26.83
N ASP A 255 -6.21 -18.66 -27.91
CA ASP A 255 -6.44 -17.67 -28.96
C ASP A 255 -6.80 -16.32 -28.36
N LEU A 256 -7.77 -16.33 -27.43
CA LEU A 256 -8.23 -15.11 -26.79
C LEU A 256 -7.08 -14.35 -26.14
N PHE A 257 -6.16 -15.08 -25.54
CA PHE A 257 -5.00 -14.45 -24.89
C PHE A 257 -4.05 -13.85 -25.92
N LYS A 258 -3.86 -14.53 -27.04
CA LYS A 258 -2.99 -14.04 -28.09
C LYS A 258 -3.62 -12.86 -28.83
N LYS A 259 -4.96 -12.86 -28.94
CA LYS A 259 -5.66 -11.76 -29.57
C LYS A 259 -5.31 -10.45 -28.86
N ASN A 260 -5.12 -10.54 -27.55
CA ASN A 260 -4.79 -9.37 -26.76
C ASN A 260 -3.28 -9.24 -26.53
N ASN A 261 -2.51 -10.01 -27.30
CA ASN A 261 -1.06 -9.97 -27.22
C ASN A 261 -0.54 -10.32 -25.83
N LYS A 262 -1.09 -11.39 -25.25
CA LYS A 262 -0.65 -11.86 -23.93
C LYS A 262 -0.51 -13.37 -23.95
N ASN A 263 0.18 -13.92 -22.95
CA ASN A 263 0.51 -15.33 -22.91
C ASN A 263 -0.49 -16.18 -22.11
N ASP A 264 -1.04 -15.58 -21.06
CA ASP A 264 -1.96 -16.29 -20.17
C ASP A 264 -2.47 -15.35 -19.09
N LEU A 265 -3.35 -15.85 -18.22
CA LEU A 265 -3.92 -15.04 -17.15
C LEU A 265 -2.87 -14.15 -16.51
N ASP A 266 -1.82 -14.76 -15.98
CA ASP A 266 -0.76 -14.03 -15.29
C ASP A 266 -0.27 -12.86 -16.15
N ASP A 267 0.22 -13.17 -17.35
CA ASP A 267 0.75 -12.16 -18.25
C ASP A 267 -0.34 -11.18 -18.68
N PHE A 268 -1.59 -11.62 -18.59
CA PHE A 268 -2.72 -10.79 -18.96
C PHE A 268 -2.91 -9.65 -17.96
N PHE A 269 -2.56 -9.92 -16.70
CA PHE A 269 -2.75 -8.92 -15.64
C PHE A 269 -1.44 -8.40 -15.06
N LYS A 270 -0.30 -8.89 -15.56
CA LYS A 270 0.98 -8.33 -15.16
C LYS A 270 1.01 -6.85 -15.49
N ASN A 271 1.17 -6.00 -14.48
CA ASN A 271 1.27 -4.56 -14.72
C ASN A 271 2.49 -4.25 -15.56
N GLU A 272 2.28 -3.51 -16.65
CA GLU A 272 3.34 -3.20 -17.58
C GLU A 272 4.29 -2.16 -17.00
N LYS A 273 5.42 -1.97 -17.68
CA LYS A 273 6.41 -0.98 -17.27
C LYS A 273 5.74 0.37 -17.10
N GLU A 274 4.79 0.66 -17.99
CA GLU A 274 4.19 2.00 -18.05
C GLU A 274 3.44 2.34 -16.77
N TYR A 275 2.77 1.36 -16.18
CA TYR A 275 2.05 1.60 -14.94
C TYR A 275 3.01 2.03 -13.83
N ASP A 276 4.08 1.25 -13.64
CA ASP A 276 5.10 1.57 -12.66
C ASP A 276 5.71 2.95 -12.92
N ASP A 277 5.89 3.27 -14.21
CA ASP A 277 6.48 4.55 -14.59
C ASP A 277 5.60 5.74 -14.23
N LEU A 278 4.29 5.52 -14.19
CA LEU A 278 3.35 6.62 -13.99
C LEU A 278 2.75 6.65 -12.59
N CYS A 279 2.81 5.53 -11.88
CA CYS A 279 2.07 5.38 -10.63
C CYS A 279 2.94 5.13 -9.41
N ASP A 280 4.23 4.92 -9.63
CA ASP A 280 5.18 4.82 -8.51
C ASP A 280 5.73 6.20 -8.17
N CYS A 281 5.54 6.63 -6.93
CA CYS A 281 6.17 7.84 -6.44
C CYS A 281 7.68 7.60 -6.37
N ARG A 282 8.42 8.33 -7.20
CA ARG A 282 9.83 8.02 -7.41
C ARG A 282 10.75 8.37 -6.24
N TYR A 283 10.26 9.18 -5.29
CA TYR A 283 11.08 9.46 -4.11
C TYR A 283 10.66 8.62 -2.89
N THR A 284 9.76 7.67 -3.11
CA THR A 284 9.47 6.64 -2.11
C THR A 284 9.46 5.24 -2.73
N ALA A 285 8.44 4.95 -3.52
CA ALA A 285 8.23 3.59 -4.01
C ALA A 285 9.43 3.07 -4.80
N THR A 286 9.91 3.86 -5.74
CA THR A 286 11.02 3.46 -6.59
C THR A 286 12.26 3.05 -5.78
N ILE A 287 12.64 3.87 -4.81
CA ILE A 287 13.83 3.58 -4.02
C ILE A 287 13.58 2.38 -3.10
N ILE A 288 12.38 2.31 -2.54
CA ILE A 288 12.05 1.19 -1.66
C ILE A 288 12.23 -0.13 -2.42
N LYS A 289 11.83 -0.12 -3.68
CA LYS A 289 11.90 -1.33 -4.49
C LYS A 289 13.36 -1.70 -4.77
N SER A 290 14.19 -0.68 -4.96
CA SER A 290 15.61 -0.89 -5.17
C SER A 290 16.25 -1.50 -3.94
N PHE A 291 15.94 -0.92 -2.77
CA PHE A 291 16.51 -1.36 -1.50
C PHE A 291 16.04 -2.75 -1.07
N LEU A 292 14.84 -3.13 -1.49
CA LEU A 292 14.27 -4.42 -1.07
C LEU A 292 14.37 -5.50 -2.14
N ASN A 293 14.38 -5.10 -3.41
CA ASN A 293 14.36 -6.05 -4.50
C ASN A 293 15.35 -5.77 -5.62
N GLY A 294 15.92 -4.57 -5.64
CA GLY A 294 16.72 -4.13 -6.76
C GLY A 294 18.20 -3.98 -6.44
N PRO A 295 18.90 -3.12 -7.19
CA PRO A 295 20.34 -2.88 -7.08
C PRO A 295 20.80 -2.58 -5.65
N ALA A 296 20.17 -1.61 -5.01
CA ALA A 296 20.57 -1.18 -3.67
C ALA A 296 20.64 -2.36 -2.71
N LYS A 297 19.78 -3.35 -2.93
CA LYS A 297 19.67 -4.50 -2.04
C LYS A 297 21.01 -5.20 -1.81
N ASN A 298 21.78 -5.38 -2.88
CA ASN A 298 23.03 -6.13 -2.81
C ASN A 298 24.25 -5.31 -3.23
N ASP A 299 24.14 -3.99 -3.17
CA ASP A 299 25.23 -3.12 -3.56
C ASP A 299 25.25 -1.86 -2.70
N VAL A 300 26.14 -1.86 -1.71
CA VAL A 300 26.19 -0.77 -0.74
C VAL A 300 26.49 0.56 -1.42
N ASP A 301 27.39 0.54 -2.39
CA ASP A 301 27.75 1.75 -3.13
C ASP A 301 26.50 2.39 -3.72
N ILE A 302 25.62 1.58 -4.30
CA ILE A 302 24.40 2.08 -4.90
C ILE A 302 23.41 2.52 -3.83
N ALA A 303 23.22 1.68 -2.82
CA ALA A 303 22.34 2.01 -1.71
C ALA A 303 22.80 3.30 -1.04
N SER A 304 24.09 3.61 -1.13
CA SER A 304 24.66 4.79 -0.48
C SER A 304 24.52 6.06 -1.32
N GLN A 305 24.45 5.90 -2.63
CA GLN A 305 24.37 7.05 -3.52
C GLN A 305 23.04 7.77 -3.37
N ILE A 306 23.09 9.08 -3.11
CA ILE A 306 21.90 9.86 -2.81
C ILE A 306 21.39 10.63 -4.02
N ASN A 307 20.08 10.62 -4.21
CA ASN A 307 19.44 11.42 -5.25
C ASN A 307 18.86 12.69 -4.64
N VAL A 308 19.52 13.81 -4.90
CA VAL A 308 19.22 15.08 -4.21
C VAL A 308 17.77 15.51 -4.43
N ASN A 309 17.31 15.43 -5.68
CA ASN A 309 15.95 15.83 -6.01
C ASN A 309 14.91 15.05 -5.21
N ASP A 310 15.05 13.73 -5.17
CA ASP A 310 14.13 12.89 -4.44
C ASP A 310 14.20 13.19 -2.95
N LEU A 311 15.43 13.40 -2.47
CA LEU A 311 15.67 13.68 -1.06
C LEU A 311 14.92 14.92 -0.61
N ARG A 312 15.01 15.99 -1.40
CA ARG A 312 14.37 17.24 -1.05
C ARG A 312 12.88 17.21 -1.40
N GLY A 313 12.51 16.31 -2.30
CA GLY A 313 11.10 16.11 -2.60
C GLY A 313 10.42 15.52 -1.38
N PHE A 314 11.07 14.51 -0.79
CA PHE A 314 10.53 13.84 0.37
C PHE A 314 10.46 14.76 1.59
N GLY A 315 11.33 15.77 1.62
CA GLY A 315 11.28 16.78 2.67
C GLY A 315 12.40 16.69 3.68
N CYS A 316 13.54 16.15 3.26
CA CYS A 316 14.72 16.10 4.12
C CYS A 316 15.94 16.67 3.41
N ASN A 317 17.01 16.89 4.16
CA ASN A 317 18.23 17.44 3.61
C ASN A 317 19.45 16.82 4.28
N TYR A 318 20.62 17.06 3.71
CA TYR A 318 21.89 16.57 4.28
C TYR A 318 22.03 17.02 5.72
N LYS A 319 22.67 16.19 6.54
CA LYS A 319 23.02 16.58 7.89
C LYS A 319 24.05 17.69 7.79
N SER A 320 23.80 18.82 8.43
CA SER A 320 24.69 19.97 8.31
C SER A 320 26.05 19.68 8.96
N ASN A 321 27.09 20.29 8.39
CA ASN A 321 28.44 20.13 8.91
C ASN A 321 28.57 20.76 10.29
N ASN A 322 27.74 21.77 10.56
CA ASN A 322 27.65 22.34 11.89
C ASN A 322 27.13 21.29 12.86
N GLU A 323 27.51 21.42 14.13
CA GLU A 323 27.05 20.48 15.14
C GLU A 323 26.10 21.18 16.11
N LYS A 324 24.89 20.64 16.23
CA LYS A 324 23.92 21.14 17.18
C LYS A 324 24.26 20.65 18.57
N SER A 325 23.95 21.47 19.57
CA SER A 325 24.13 21.07 20.96
C SER A 325 23.07 20.06 21.34
N TRP A 326 23.31 19.32 22.42
CA TRP A 326 22.28 18.47 22.99
C TRP A 326 21.22 19.37 23.59
N ASN A 327 19.96 18.97 23.44
CA ASN A 327 18.84 19.75 23.93
C ASN A 327 18.25 19.16 25.20
N CYS A 328 18.47 19.84 26.32
CA CYS A 328 17.96 19.39 27.62
C CYS A 328 16.88 20.33 28.14
N ALA A 329 16.18 21.03 27.25
CA ALA A 329 15.25 22.07 27.67
C ALA A 329 13.99 22.18 26.82
N GLY A 330 13.59 21.08 26.18
CA GLY A 330 12.37 21.07 25.40
C GLY A 330 11.14 20.91 26.29
N THR A 331 9.96 20.89 25.69
CA THR A 331 8.71 20.69 26.43
C THR A 331 8.66 19.30 27.04
N PHE A 332 9.40 18.37 26.43
CA PHE A 332 9.47 17.00 26.92
C PHE A 332 10.11 16.90 28.30
N THR A 333 10.81 17.96 28.71
CA THR A 333 11.41 17.98 30.04
C THR A 333 10.36 18.18 31.13
N ASN A 334 9.13 18.50 30.73
CA ASN A 334 8.04 18.61 31.69
C ASN A 334 7.71 17.24 32.27
N LYS A 335 7.44 16.27 31.40
CA LYS A 335 7.13 14.91 31.85
C LYS A 335 8.39 14.10 32.12
N PHE A 336 9.45 14.38 31.35
CA PHE A 336 10.70 13.63 31.48
C PHE A 336 11.89 14.52 31.79
N PRO A 337 11.92 15.13 32.98
CA PRO A 337 13.05 15.97 33.37
C PRO A 337 14.35 15.18 33.43
N GLY A 338 15.45 15.79 32.98
CA GLY A 338 16.76 15.17 33.00
C GLY A 338 17.17 14.57 31.66
N THR A 339 16.23 14.54 30.72
CA THR A 339 16.47 13.98 29.40
C THR A 339 17.22 14.97 28.50
N CYS A 340 18.17 14.46 27.72
CA CYS A 340 18.88 15.28 26.75
C CYS A 340 18.73 14.68 25.35
N GLU A 341 18.07 15.42 24.47
CA GLU A 341 17.81 14.96 23.11
C GLU A 341 19.12 14.97 22.32
N PRO A 342 19.44 13.86 21.65
CA PRO A 342 20.64 13.83 20.81
C PRO A 342 20.46 14.68 19.56
N PRO A 343 21.52 15.37 19.11
CA PRO A 343 21.46 16.12 17.86
C PRO A 343 20.92 15.28 16.71
N ARG A 344 21.31 14.02 16.67
CA ARG A 344 20.85 13.08 15.66
C ARG A 344 19.33 12.97 15.68
N ARG A 345 18.73 12.97 16.87
CA ARG A 345 17.28 12.87 17.01
C ARG A 345 16.60 14.17 16.61
N GLN A 346 17.27 15.28 16.88
CA GLN A 346 16.74 16.61 16.55
C GLN A 346 16.66 16.82 15.04
N THR A 347 17.50 16.08 14.30
CA THR A 347 17.59 16.26 12.85
C THR A 347 17.16 15.01 12.09
N LEU A 348 16.46 14.10 12.78
CA LEU A 348 15.98 12.87 12.18
C LEU A 348 15.02 13.13 11.01
N CYS A 349 15.22 12.43 9.91
CA CYS A 349 14.38 12.58 8.73
C CYS A 349 13.06 11.81 8.86
N LEU A 350 11.96 12.56 8.87
CA LEU A 350 10.64 11.97 8.90
C LEU A 350 9.80 12.42 7.72
N GLY A 351 10.25 13.45 7.01
CA GLY A 351 9.53 13.94 5.86
C GLY A 351 8.20 14.56 6.22
N ARG A 352 7.37 14.75 5.20
CA ARG A 352 6.09 15.44 5.36
C ARG A 352 5.05 14.51 5.94
N THR A 353 5.18 14.23 7.23
CA THR A 353 4.31 13.29 7.92
C THR A 353 2.88 13.83 8.06
N TYR A 354 2.73 15.14 7.96
CA TYR A 354 1.41 15.78 8.10
C TYR A 354 0.51 15.48 6.90
N LEU A 355 1.05 14.81 5.88
CA LEU A 355 0.28 14.52 4.67
C LEU A 355 -0.45 13.18 4.73
N LEU A 356 -0.04 12.30 5.64
CA LEU A 356 -0.67 10.99 5.75
C LEU A 356 -1.93 11.07 6.61
N HIS A 357 -2.86 11.92 6.21
CA HIS A 357 -4.06 12.16 7.00
C HIS A 357 -5.23 11.30 6.55
N ARG A 358 -5.07 10.63 5.40
CA ARG A 358 -6.17 9.86 4.82
C ARG A 358 -6.25 8.45 5.42
N GLY A 359 -5.17 8.01 6.04
CA GLY A 359 -5.18 6.76 6.81
C GLY A 359 -5.07 5.49 5.99
N HIS A 360 -4.32 5.54 4.88
CA HIS A 360 -4.09 4.35 4.08
CA HIS A 360 -4.09 4.35 4.08
C HIS A 360 -2.80 3.66 4.53
N GLU A 361 -2.90 2.40 4.91
CA GLU A 361 -1.76 1.68 5.45
C GLU A 361 -0.59 1.61 4.45
N GLU A 362 -0.90 1.34 3.19
CA GLU A 362 0.14 1.19 2.18
C GLU A 362 0.89 2.50 1.96
N ASP A 363 0.17 3.61 1.97
CA ASP A 363 0.81 4.91 1.87
C ASP A 363 1.68 5.15 3.09
N TYR A 364 1.15 4.77 4.25
CA TYR A 364 1.87 5.00 5.50
C TYR A 364 3.16 4.18 5.53
N LYS A 365 3.05 2.92 5.14
CA LYS A 365 4.21 2.04 5.10
C LYS A 365 5.24 2.61 4.14
N GLU A 366 4.76 3.00 2.95
CA GLU A 366 5.63 3.55 1.93
C GLU A 366 6.35 4.80 2.45
N HIS A 367 5.65 5.64 3.21
CA HIS A 367 6.27 6.83 3.77
C HIS A 367 7.33 6.50 4.82
N LEU A 368 7.02 5.54 5.69
CA LEU A 368 7.94 5.18 6.75
C LEU A 368 9.24 4.64 6.19
N LEU A 369 9.13 3.75 5.21
CA LEU A 369 10.30 3.17 4.59
C LEU A 369 11.12 4.24 3.89
N GLY A 370 10.44 5.24 3.32
CA GLY A 370 11.11 6.34 2.67
C GLY A 370 11.98 7.10 3.66
N ALA A 371 11.37 7.49 4.76
CA ALA A 371 12.09 8.20 5.80
C ALA A 371 13.29 7.38 6.29
N SER A 372 13.05 6.08 6.47
CA SER A 372 14.09 5.18 6.98
C SER A 372 15.27 5.12 6.01
N ILE A 373 14.98 5.06 4.72
CA ILE A 373 16.02 4.99 3.71
C ILE A 373 16.86 6.26 3.70
N TYR A 374 16.22 7.42 3.63
CA TYR A 374 16.94 8.68 3.59
C TYR A 374 17.73 8.91 4.86
N GLU A 375 17.14 8.59 6.01
CA GLU A 375 17.87 8.72 7.27
C GLU A 375 19.16 7.91 7.18
N ALA A 376 19.07 6.69 6.68
CA ALA A 376 20.24 5.82 6.57
C ALA A 376 21.27 6.42 5.63
N GLN A 377 20.81 6.84 4.45
CA GLN A 377 21.71 7.43 3.46
C GLN A 377 22.38 8.68 4.01
N LEU A 378 21.59 9.56 4.60
CA LEU A 378 22.09 10.81 5.15
C LEU A 378 23.12 10.56 6.24
N LEU A 379 22.83 9.60 7.11
CA LEU A 379 23.77 9.21 8.15
C LEU A 379 25.04 8.65 7.52
N LYS A 380 24.87 7.73 6.57
CA LYS A 380 26.01 7.14 5.90
C LYS A 380 26.88 8.21 5.27
N TYR A 381 26.24 9.23 4.70
CA TYR A 381 26.96 10.30 4.04
C TYR A 381 27.72 11.16 5.05
N LYS A 382 27.12 11.38 6.21
CA LYS A 382 27.72 12.23 7.23
C LYS A 382 28.91 11.54 7.89
N TYR A 383 28.78 10.25 8.11
CA TYR A 383 29.78 9.49 8.87
C TYR A 383 30.47 8.41 8.05
N LYS A 384 30.60 8.63 6.75
CA LYS A 384 31.17 7.63 5.85
C LYS A 384 32.62 7.31 6.20
N GLU A 385 33.29 8.19 6.94
CA GLU A 385 34.70 7.99 7.28
C GLU A 385 34.91 7.26 8.60
N LYS A 386 33.81 6.82 9.23
CA LYS A 386 33.91 6.06 10.48
C LYS A 386 34.00 4.57 10.19
N ASP A 387 34.34 3.79 11.21
CA ASP A 387 34.50 2.35 11.05
C ASP A 387 33.14 1.65 11.02
N GLU A 388 33.15 0.36 10.65
CA GLU A 388 31.92 -0.42 10.50
C GLU A 388 31.09 -0.45 11.78
N ASN A 389 31.75 -0.73 12.90
CA ASN A 389 31.06 -0.89 14.18
C ASN A 389 30.35 0.40 14.62
N ALA A 390 30.97 1.53 14.32
CA ALA A 390 30.40 2.83 14.69
C ALA A 390 29.22 3.15 13.78
N LEU A 391 29.45 3.07 12.48
CA LEU A 391 28.39 3.29 11.50
C LEU A 391 27.20 2.41 11.84
N CYS A 392 27.50 1.15 12.18
CA CYS A 392 26.46 0.20 12.55
C CYS A 392 25.62 0.74 13.71
N SER A 393 26.28 1.15 14.79
CA SER A 393 25.57 1.61 15.97
C SER A 393 24.80 2.91 15.72
N ILE A 394 25.35 3.78 14.86
CA ILE A 394 24.69 5.04 14.54
C ILE A 394 23.39 4.81 13.77
N ILE A 395 23.38 3.81 12.89
CA ILE A 395 22.19 3.47 12.13
C ILE A 395 21.12 2.91 13.06
N GLN A 396 21.56 2.11 14.03
CA GLN A 396 20.65 1.50 14.99
C GLN A 396 20.03 2.54 15.90
N ASN A 397 20.79 3.59 16.21
CA ASN A 397 20.26 4.68 17.03
C ASN A 397 19.01 5.30 16.42
N SER A 398 19.08 5.67 15.15
CA SER A 398 17.93 6.27 14.48
C SER A 398 16.83 5.25 14.22
N TYR A 399 17.24 4.02 13.91
CA TYR A 399 16.29 2.93 13.77
C TYR A 399 15.43 2.79 15.03
N ALA A 400 16.08 2.78 16.19
CA ALA A 400 15.39 2.63 17.46
C ALA A 400 14.51 3.84 17.78
N ASP A 401 14.96 5.02 17.41
CA ASP A 401 14.18 6.23 17.62
C ASP A 401 12.91 6.17 16.78
N LEU A 402 13.03 5.67 15.56
CA LEU A 402 11.88 5.53 14.69
C LEU A 402 10.87 4.59 15.33
N ALA A 403 11.37 3.48 15.86
CA ALA A 403 10.52 2.52 16.55
C ALA A 403 9.78 3.20 17.69
N ASP A 404 10.48 4.03 18.45
CA ASP A 404 9.87 4.72 19.58
C ASP A 404 8.82 5.73 19.13
N ILE A 405 9.02 6.28 17.95
CA ILE A 405 8.10 7.28 17.42
C ILE A 405 6.82 6.61 16.93
N ILE A 406 6.96 5.48 16.25
CA ILE A 406 5.83 4.70 15.78
C ILE A 406 5.08 4.07 16.95
N LYS A 407 5.80 3.57 17.93
CA LYS A 407 5.18 2.94 19.09
C LYS A 407 4.50 3.99 19.97
N GLY A 408 4.93 5.24 19.85
CA GLY A 408 4.38 6.32 20.65
C GLY A 408 5.08 6.45 22.00
N SER A 409 6.25 5.84 22.13
CA SER A 409 6.99 5.91 23.39
C SER A 409 8.10 6.94 23.31
N ASP A 410 8.32 7.50 22.12
CA ASP A 410 9.33 8.54 21.93
C ASP A 410 9.14 9.68 22.92
N ILE A 411 10.24 10.12 23.52
CA ILE A 411 10.21 11.13 24.57
C ILE A 411 9.90 12.54 24.05
N ILE A 412 10.34 12.84 22.83
CA ILE A 412 10.28 14.21 22.33
C ILE A 412 8.87 14.65 21.95
N LYS A 413 8.16 13.83 21.20
CA LYS A 413 6.80 14.17 20.75
C LYS A 413 6.82 15.51 20.04
N ASP A 414 7.75 15.65 19.10
CA ASP A 414 7.87 16.87 18.32
C ASP A 414 6.79 16.91 17.25
N TYR A 415 6.72 18.03 16.54
CA TYR A 415 5.68 18.26 15.56
C TYR A 415 5.54 17.12 14.56
N TYR A 416 6.67 16.61 14.05
CA TYR A 416 6.61 15.63 12.98
C TYR A 416 6.52 14.20 13.50
N GLY A 417 7.19 13.92 14.61
CA GLY A 417 7.03 12.64 15.28
C GLY A 417 5.58 12.39 15.67
N LYS A 418 4.97 13.36 16.36
CA LYS A 418 3.58 13.25 16.80
C LYS A 418 2.64 12.92 15.66
N LYS A 419 2.78 13.65 14.56
CA LYS A 419 1.92 13.44 13.41
C LYS A 419 2.13 12.07 12.79
N MET A 420 3.36 11.55 12.91
CA MET A 420 3.65 10.21 12.44
C MET A 420 2.84 9.21 13.25
N GLU A 421 2.84 9.40 14.56
CA GLU A 421 2.13 8.52 15.47
C GLU A 421 0.63 8.59 15.26
N GLU A 422 0.12 9.81 15.19
CA GLU A 422 -1.31 10.03 15.06
C GLU A 422 -1.82 9.52 13.72
N ASN A 423 -0.98 9.59 12.69
CA ASN A 423 -1.41 9.14 11.37
C ASN A 423 -1.43 7.63 11.26
N LEU A 424 -0.71 6.95 12.15
CA LEU A 424 -0.81 5.51 12.25
C LEU A 424 -2.09 5.14 12.99
N ASN A 425 -2.47 5.96 13.97
CA ASN A 425 -3.75 5.80 14.63
C ASN A 425 -4.88 5.89 13.61
N LYS A 426 -4.73 6.81 12.65
CA LYS A 426 -5.72 6.96 11.60
C LYS A 426 -5.83 5.69 10.75
N VAL A 427 -4.69 5.07 10.46
CA VAL A 427 -4.70 3.81 9.73
C VAL A 427 -5.57 2.79 10.48
N ASN A 428 -5.51 2.83 11.80
CA ASN A 428 -6.34 1.98 12.63
C ASN A 428 -7.80 2.39 12.56
N LYS A 429 -8.63 1.52 12.00
CA LYS A 429 -10.04 1.84 11.76
C LYS A 429 -10.93 1.34 12.89
N ASP A 430 -10.31 0.76 13.91
CA ASP A 430 -11.07 0.28 15.07
C ASP A 430 -11.70 1.45 15.80
N LYS A 431 -12.94 1.29 16.23
CA LYS A 431 -13.68 2.39 16.86
C LYS A 431 -13.41 2.52 18.37
N LYS A 432 -12.66 1.57 18.93
CA LYS A 432 -12.18 1.72 20.29
C LYS A 432 -10.87 2.49 20.22
N ARG A 433 -10.85 3.68 20.81
CA ARG A 433 -9.75 4.61 20.56
C ARG A 433 -9.16 5.23 21.82
N ASN A 434 -9.22 4.50 22.92
CA ASN A 434 -8.53 4.92 24.14
C ASN A 434 -7.02 4.70 24.02
N GLU A 435 -6.26 5.41 24.84
CA GLU A 435 -4.80 5.38 24.78
C GLU A 435 -4.24 3.97 24.58
N GLU A 436 -4.47 3.10 25.56
CA GLU A 436 -3.85 1.78 25.54
C GLU A 436 -4.26 0.98 24.30
N SER A 437 -5.51 1.11 23.88
CA SER A 437 -6.00 0.36 22.74
C SER A 437 -5.23 0.77 21.48
N LEU A 438 -5.04 2.07 21.30
CA LEU A 438 -4.32 2.57 20.14
C LEU A 438 -2.84 2.22 20.21
N LYS A 439 -2.27 2.24 21.41
CA LYS A 439 -0.88 1.88 21.61
C LYS A 439 -0.65 0.45 21.13
N ILE A 440 -1.47 -0.47 21.64
CA ILE A 440 -1.33 -1.89 21.31
C ILE A 440 -1.34 -2.11 19.81
N PHE A 441 -2.17 -1.36 19.09
CA PHE A 441 -2.22 -1.47 17.64
C PHE A 441 -0.89 -1.04 17.03
N ARG A 442 -0.44 0.15 17.39
CA ARG A 442 0.82 0.66 16.88
C ARG A 442 1.95 -0.31 17.20
N GLU A 443 1.99 -0.80 18.43
CA GLU A 443 3.04 -1.72 18.86
C GLU A 443 3.05 -2.98 17.98
N LYS A 444 1.85 -3.52 17.71
CA LYS A 444 1.74 -4.69 16.84
C LYS A 444 2.14 -4.34 15.41
N TRP A 445 1.79 -3.13 14.98
CA TRP A 445 2.08 -2.71 13.62
C TRP A 445 3.59 -2.61 13.41
N TRP A 446 4.29 -2.08 14.39
CA TRP A 446 5.74 -1.97 14.31
C TRP A 446 6.38 -3.36 14.23
N ASP A 447 5.89 -4.30 15.03
CA ASP A 447 6.43 -5.66 15.02
C ASP A 447 6.27 -6.30 13.65
N GLU A 448 5.16 -5.99 12.97
CA GLU A 448 4.90 -6.54 11.65
C GLU A 448 5.75 -5.88 10.56
N ASN A 449 6.30 -4.70 10.84
CA ASN A 449 7.04 -3.96 9.83
C ASN A 449 8.49 -3.64 10.19
N LYS A 450 8.87 -3.88 11.43
CA LYS A 450 10.19 -3.48 11.92
C LYS A 450 11.34 -4.18 11.19
N GLU A 451 11.05 -5.36 10.62
CA GLU A 451 12.06 -6.12 9.90
C GLU A 451 12.42 -5.45 8.56
N ASN A 452 11.41 -5.12 7.78
CA ASN A 452 11.64 -4.41 6.53
C ASN A 452 12.32 -3.06 6.75
N VAL A 453 11.94 -2.39 7.84
CA VAL A 453 12.54 -1.10 8.14
C VAL A 453 14.05 -1.28 8.32
N TRP A 454 14.44 -2.32 9.06
CA TRP A 454 15.85 -2.58 9.28
C TRP A 454 16.53 -3.01 7.98
N LYS A 455 15.82 -3.76 7.16
CA LYS A 455 16.37 -4.22 5.88
C LYS A 455 16.83 -3.05 5.02
N VAL A 456 15.98 -2.03 4.89
CA VAL A 456 16.31 -0.90 4.02
C VAL A 456 17.38 -0.01 4.62
N MET A 457 17.39 0.11 5.95
CA MET A 457 18.39 0.96 6.62
C MET A 457 19.74 0.29 6.64
N SER A 458 19.75 -1.04 6.72
CA SER A 458 20.99 -1.80 6.80
C SER A 458 21.67 -1.90 5.45
N ALA A 459 20.99 -1.45 4.41
CA ALA A 459 21.51 -1.56 3.04
C ALA A 459 22.70 -0.65 2.80
N VAL A 460 22.88 0.35 3.65
CA VAL A 460 23.97 1.30 3.47
C VAL A 460 25.25 0.88 4.20
N LEU A 461 25.23 -0.30 4.81
CA LEU A 461 26.38 -0.78 5.58
C LEU A 461 27.15 -1.89 4.84
N LYS A 462 28.47 -1.83 4.90
CA LYS A 462 29.30 -2.93 4.44
C LYS A 462 29.07 -4.11 5.36
N ASN A 463 29.08 -5.32 4.82
CA ASN A 463 28.82 -6.53 5.62
C ASN A 463 27.65 -6.28 6.57
N LYS A 464 26.43 -6.36 6.04
CA LYS A 464 25.23 -6.04 6.82
C LYS A 464 25.11 -6.90 8.07
N GLU A 465 25.44 -8.19 7.94
CA GLU A 465 25.30 -9.12 9.06
C GLU A 465 26.31 -8.83 10.18
N THR A 466 27.20 -7.87 9.96
CA THR A 466 28.09 -7.39 11.01
C THR A 466 27.26 -6.68 12.07
N CYS A 467 26.14 -6.10 11.64
CA CYS A 467 25.28 -5.31 12.52
C CYS A 467 24.19 -6.19 13.14
N LYS A 468 24.28 -6.40 14.44
CA LYS A 468 23.47 -7.42 15.11
C LYS A 468 22.61 -6.84 16.24
N ASP A 469 21.61 -7.61 16.65
CA ASP A 469 20.80 -7.28 17.82
C ASP A 469 20.14 -5.91 17.71
N TYR A 470 19.89 -5.48 16.47
CA TYR A 470 19.17 -4.23 16.25
C TYR A 470 17.81 -4.31 16.91
N ASP A 471 17.26 -5.51 17.00
CA ASP A 471 15.95 -5.71 17.60
C ASP A 471 16.00 -5.55 19.12
N LYS A 472 16.97 -6.20 19.75
CA LYS A 472 17.17 -6.06 21.19
C LYS A 472 17.45 -4.61 21.55
N PHE A 473 18.27 -3.96 20.73
CA PHE A 473 18.64 -2.58 20.98
C PHE A 473 17.41 -1.68 21.00
N GLN A 474 16.49 -1.93 20.08
CA GLN A 474 15.27 -1.14 19.97
C GLN A 474 14.37 -1.30 21.19
N LYS A 475 14.52 -2.43 21.89
CA LYS A 475 13.70 -2.71 23.07
C LYS A 475 14.22 -1.97 24.32
N ILE A 476 15.42 -1.42 24.23
CA ILE A 476 16.02 -0.71 25.37
C ILE A 476 15.41 0.68 25.51
N PRO A 477 14.97 1.04 26.71
CA PRO A 477 14.42 2.38 26.96
C PRO A 477 15.22 3.46 26.25
N GLN A 478 14.52 4.30 25.51
CA GLN A 478 15.13 5.32 24.67
C GLN A 478 16.19 6.13 25.44
N PHE A 479 15.81 6.66 26.60
CA PHE A 479 16.73 7.48 27.39
C PHE A 479 18.05 6.78 27.65
N LEU A 480 17.99 5.48 27.94
CA LEU A 480 19.19 4.70 28.20
C LEU A 480 20.05 4.62 26.95
N ARG A 481 19.42 4.50 25.80
CA ARG A 481 20.15 4.47 24.54
C ARG A 481 20.81 5.82 24.30
N TRP A 482 20.09 6.89 24.62
CA TRP A 482 20.59 8.24 24.40
C TRP A 482 21.73 8.57 25.35
N PHE A 483 21.57 8.18 26.61
CA PHE A 483 22.58 8.43 27.62
C PHE A 483 23.94 7.89 27.16
N LYS A 484 23.95 6.65 26.69
CA LYS A 484 25.16 6.03 26.18
C LYS A 484 25.66 6.78 24.93
N GLU A 485 24.74 7.16 24.05
CA GLU A 485 25.10 7.91 22.86
C GLU A 485 25.80 9.21 23.26
N TRP A 486 25.32 9.82 24.33
CA TRP A 486 25.91 11.05 24.84
C TRP A 486 27.32 10.79 25.34
N GLY A 487 27.49 9.69 26.07
CA GLY A 487 28.79 9.30 26.58
C GLY A 487 29.82 9.20 25.46
N ASP A 488 29.53 8.35 24.47
CA ASP A 488 30.44 8.18 23.35
C ASP A 488 30.75 9.50 22.67
N ASP A 489 29.74 10.35 22.55
CA ASP A 489 29.90 11.65 21.91
C ASP A 489 30.81 12.54 22.76
N PHE A 490 30.61 12.50 24.07
CA PHE A 490 31.40 13.31 24.99
C PHE A 490 32.86 12.89 24.98
N CYS A 491 33.11 11.62 25.28
CA CYS A 491 34.46 11.09 25.31
C CYS A 491 35.19 11.37 23.99
N GLU A 492 34.50 11.17 22.87
CA GLU A 492 35.10 11.39 21.56
C GLU A 492 35.56 12.84 21.42
N LYS A 493 34.64 13.77 21.60
CA LYS A 493 34.95 15.18 21.40
C LYS A 493 35.98 15.67 22.41
N ARG A 494 36.03 15.02 23.57
CA ARG A 494 37.04 15.34 24.56
C ARG A 494 38.41 14.92 24.03
N LYS A 495 38.50 13.70 23.54
CA LYS A 495 39.74 13.22 22.91
C LYS A 495 40.19 14.22 21.84
N GLU A 496 39.24 14.63 21.00
CA GLU A 496 39.53 15.57 19.94
C GLU A 496 40.13 16.86 20.48
N LYS A 497 39.51 17.40 21.52
CA LYS A 497 39.95 18.67 22.10
C LYS A 497 41.30 18.55 22.80
N ILE A 498 41.59 17.38 23.36
CA ILE A 498 42.90 17.12 23.94
C ILE A 498 43.96 17.14 22.84
N TYR A 499 43.68 16.41 21.74
CA TYR A 499 44.60 16.38 20.62
C TYR A 499 44.77 17.79 20.03
N SER A 500 43.70 18.58 20.07
CA SER A 500 43.76 19.95 19.57
C SER A 500 44.79 20.74 20.38
N PHE A 501 44.82 20.49 21.68
CA PHE A 501 45.76 21.17 22.57
C PHE A 501 47.21 20.76 22.24
N GLU A 502 47.41 19.48 21.97
CA GLU A 502 48.75 18.97 21.67
C GLU A 502 49.33 19.62 20.41
N SER A 503 48.66 19.40 19.28
CA SER A 503 49.12 19.97 18.01
C SER A 503 49.34 21.48 18.13
N PHE A 504 48.55 22.12 18.99
CA PHE A 504 48.67 23.55 19.22
C PHE A 504 49.92 23.83 20.06
N LYS A 505 50.13 23.01 21.08
CA LYS A 505 51.26 23.17 21.98
C LYS A 505 52.58 22.96 21.25
N VAL A 506 52.60 21.96 20.35
CA VAL A 506 53.82 21.63 19.62
C VAL A 506 54.14 22.69 18.57
N GLU A 507 53.10 23.25 17.95
CA GLU A 507 53.29 24.32 16.98
C GLU A 507 53.89 25.55 17.66
N CYS A 508 53.36 25.89 18.84
CA CYS A 508 53.88 27.00 19.62
C CYS A 508 55.27 26.71 20.14
N LYS A 509 55.55 25.42 20.36
CA LYS A 509 56.81 24.99 20.95
C LYS A 509 58.01 25.28 20.04
N LYS A 510 57.75 25.73 18.82
CA LYS A 510 58.82 25.95 17.85
C LYS A 510 58.97 27.40 17.43
N LYS A 511 57.89 28.03 16.95
CA LYS A 511 58.00 29.35 16.34
C LYS A 511 57.31 30.49 17.10
N ASP A 512 56.07 30.79 16.73
CA ASP A 512 55.43 32.03 17.17
C ASP A 512 54.37 31.85 18.25
N CYS A 513 54.81 31.99 19.50
CA CYS A 513 53.94 32.04 20.68
C CYS A 513 54.51 31.19 21.81
N THR A 517 47.62 32.86 21.87
CA THR A 517 46.32 33.03 22.51
C THR A 517 45.90 31.77 23.25
N CYS A 518 46.77 31.28 24.12
CA CYS A 518 46.47 30.10 24.92
C CYS A 518 45.18 30.32 25.69
N LYS A 519 45.00 31.57 26.14
CA LYS A 519 43.84 31.94 26.93
C LYS A 519 42.54 31.73 26.16
N ASN A 520 42.56 32.07 24.87
CA ASN A 520 41.35 32.03 24.06
C ASN A 520 40.86 30.61 23.79
N LYS A 521 41.78 29.71 23.48
CA LYS A 521 41.44 28.30 23.30
C LYS A 521 41.05 27.68 24.63
N CYS A 522 41.81 27.97 25.68
CA CYS A 522 41.49 27.51 27.02
C CYS A 522 40.11 28.00 27.44
N SER A 523 39.77 29.21 27.02
CA SER A 523 38.48 29.80 27.34
C SER A 523 37.35 29.02 26.69
N GLU A 524 37.50 28.73 25.40
CA GLU A 524 36.49 28.00 24.64
C GLU A 524 36.25 26.62 25.24
N TYR A 525 37.31 26.00 25.74
CA TYR A 525 37.19 24.67 26.33
C TYR A 525 36.41 24.72 27.64
N LYS A 526 36.68 25.75 28.44
CA LYS A 526 35.99 25.94 29.71
C LYS A 526 34.48 26.01 29.49
N LYS A 527 34.07 26.80 28.50
CA LYS A 527 32.65 26.92 28.16
C LYS A 527 32.09 25.55 27.79
N TRP A 528 32.83 24.81 26.98
CA TRP A 528 32.37 23.51 26.50
C TRP A 528 32.20 22.54 27.65
N ILE A 529 33.25 22.38 28.46
CA ILE A 529 33.26 21.38 29.51
C ILE A 529 32.20 21.65 30.58
N ASP A 530 31.94 22.93 30.84
CA ASP A 530 30.91 23.29 31.80
C ASP A 530 29.53 22.94 31.25
N LEU A 531 29.34 23.17 29.95
CA LEU A 531 28.08 22.85 29.30
C LEU A 531 27.82 21.35 29.37
N LYS A 532 28.86 20.56 29.11
CA LYS A 532 28.73 19.11 29.10
C LYS A 532 28.51 18.61 30.53
N LYS A 533 29.08 19.31 31.50
CA LYS A 533 28.94 18.95 32.89
C LYS A 533 27.48 19.05 33.33
N SER A 534 26.80 20.11 32.92
CA SER A 534 25.38 20.26 33.26
C SER A 534 24.54 19.18 32.58
N GLU A 535 24.87 18.87 31.32
CA GLU A 535 24.15 17.83 30.58
C GLU A 535 24.31 16.50 31.30
N TYR A 536 25.55 16.23 31.72
CA TYR A 536 25.87 15.01 32.46
C TYR A 536 25.06 14.92 33.73
N GLU A 537 25.03 16.01 34.49
CA GLU A 537 24.32 16.04 35.77
C GLU A 537 22.84 15.79 35.61
N LYS A 538 22.24 16.40 34.59
CA LYS A 538 20.82 16.21 34.31
C LYS A 538 20.51 14.73 34.11
N GLN A 539 21.23 14.11 33.18
CA GLN A 539 20.96 12.72 32.81
C GLN A 539 21.29 11.75 33.93
N VAL A 540 22.35 12.03 34.67
CA VAL A 540 22.71 11.21 35.82
C VAL A 540 21.59 11.22 36.84
N ASP A 541 20.99 12.38 37.03
CA ASP A 541 19.92 12.55 38.02
C ASP A 541 18.72 11.69 37.64
N LYS A 542 18.37 11.70 36.36
CA LYS A 542 17.24 10.94 35.87
C LYS A 542 17.54 9.44 35.96
N TYR A 543 18.73 9.06 35.52
CA TYR A 543 19.14 7.66 35.55
C TYR A 543 19.04 7.13 36.98
N THR A 544 19.45 7.96 37.94
CA THR A 544 19.45 7.56 39.35
C THR A 544 18.03 7.51 39.91
N LYS A 545 17.28 8.59 39.72
CA LYS A 545 15.92 8.67 40.22
C LYS A 545 15.04 7.58 39.60
N ASP A 546 15.20 7.35 38.30
CA ASP A 546 14.44 6.31 37.62
C ASP A 546 14.83 4.93 38.13
N LYS A 547 16.14 4.69 38.24
CA LYS A 547 16.64 3.42 38.74
C LYS A 547 16.01 3.07 40.09
N ASN A 548 15.95 4.06 40.98
CA ASN A 548 15.39 3.85 42.31
C ASN A 548 13.90 3.52 42.26
N LYS A 549 13.23 3.98 41.22
CA LYS A 549 11.81 3.67 41.01
C LYS A 549 11.65 2.32 40.32
N LYS A 550 12.77 1.60 40.21
CA LYS A 550 12.76 0.22 39.69
C LYS A 550 12.23 0.13 38.26
N MET A 551 12.49 1.16 37.47
CA MET A 551 12.07 1.18 36.07
C MET A 551 13.01 0.32 35.23
N TYR A 552 14.17 -0.01 35.78
CA TYR A 552 15.18 -0.80 35.09
C TYR A 552 15.38 -2.16 35.74
N ASP A 553 14.32 -2.71 36.30
CA ASP A 553 14.39 -4.02 36.95
C ASP A 553 14.59 -5.14 35.94
N ASN A 554 13.89 -5.06 34.82
CA ASN A 554 13.94 -6.11 33.80
C ASN A 554 15.03 -5.87 32.76
N ILE A 555 15.97 -4.98 33.07
CA ILE A 555 17.03 -4.65 32.13
C ILE A 555 18.39 -5.03 32.69
N ASP A 556 18.93 -6.14 32.21
CA ASP A 556 20.23 -6.61 32.66
C ASP A 556 21.33 -5.65 32.23
N GLU A 557 22.49 -5.77 32.87
CA GLU A 557 23.62 -4.86 32.62
C GLU A 557 23.20 -3.40 32.83
N VAL A 558 22.27 -3.20 33.76
CA VAL A 558 21.82 -1.86 34.13
C VAL A 558 21.39 -1.84 35.59
N LYS A 559 20.60 -2.84 35.98
CA LYS A 559 20.15 -2.96 37.36
C LYS A 559 21.30 -2.77 38.35
N ASN A 560 21.15 -1.77 39.21
CA ASN A 560 22.12 -1.51 40.27
C ASN A 560 23.54 -1.31 39.73
N LYS A 561 23.68 -0.41 38.76
CA LYS A 561 24.99 0.02 38.28
C LYS A 561 25.04 1.54 38.28
N GLU A 562 25.96 2.10 39.04
CA GLU A 562 26.10 3.55 39.13
C GLU A 562 26.12 4.16 37.73
N ALA A 563 25.46 5.29 37.58
CA ALA A 563 25.35 5.96 36.28
C ALA A 563 26.68 5.98 35.53
N ASN A 564 27.72 6.48 36.20
CA ASN A 564 29.02 6.63 35.56
C ASN A 564 29.65 5.28 35.21
N VAL A 565 29.18 4.22 35.86
CA VAL A 565 29.64 2.88 35.54
C VAL A 565 28.95 2.39 34.28
N TYR A 566 27.64 2.59 34.21
CA TYR A 566 26.86 2.25 33.03
C TYR A 566 27.51 2.86 31.78
N LEU A 567 27.99 4.09 31.90
CA LEU A 567 28.62 4.77 30.79
C LEU A 567 29.92 4.07 30.38
N LYS A 568 30.84 3.95 31.33
CA LYS A 568 32.15 3.35 31.04
C LYS A 568 32.02 2.00 30.37
N GLU A 569 30.93 1.28 30.65
CA GLU A 569 30.71 -0.04 30.07
C GLU A 569 30.09 0.04 28.67
N LYS A 570 28.91 0.64 28.60
CA LYS A 570 28.16 0.71 27.34
C LYS A 570 28.82 1.63 26.31
N SER A 571 29.51 2.67 26.80
CA SER A 571 30.16 3.62 25.91
C SER A 571 31.61 3.22 25.63
N LYS A 572 31.82 2.52 24.52
CA LYS A 572 33.16 2.12 24.11
C LYS A 572 34.14 3.28 24.15
N GLU A 573 33.73 4.41 23.59
CA GLU A 573 34.58 5.58 23.46
C GLU A 573 35.12 6.06 24.81
N CYS A 574 34.46 5.66 25.89
CA CYS A 574 34.88 6.06 27.24
C CYS A 574 35.64 4.95 27.95
N LYS A 575 35.99 3.90 27.22
CA LYS A 575 36.67 2.74 27.80
C LYS A 575 37.93 3.15 28.56
N ASP A 576 38.58 4.22 28.11
CA ASP A 576 39.86 4.63 28.64
C ASP A 576 39.73 5.85 29.55
N VAL A 577 38.51 6.17 29.93
CA VAL A 577 38.25 7.35 30.75
C VAL A 577 37.52 6.98 32.02
N ASN A 578 37.97 7.56 33.14
CA ASN A 578 37.29 7.40 34.41
C ASN A 578 36.66 8.72 34.85
N PHE A 579 35.35 8.68 35.09
CA PHE A 579 34.61 9.88 35.45
C PHE A 579 34.98 10.39 36.83
N ASP A 580 36.21 10.87 36.97
CA ASP A 580 36.69 11.43 38.23
C ASP A 580 35.98 12.75 38.48
N ASP A 581 36.46 13.51 39.46
CA ASP A 581 35.98 14.87 39.66
C ASP A 581 36.88 15.83 38.89
N LYS A 582 37.96 15.28 38.32
CA LYS A 582 38.85 16.05 37.47
C LYS A 582 38.35 16.08 36.02
N ILE A 583 37.57 15.07 35.65
CA ILE A 583 37.13 14.91 34.26
C ILE A 583 36.46 16.17 33.72
N PHE A 584 35.67 16.83 34.56
CA PHE A 584 34.96 18.03 34.13
C PHE A 584 35.68 19.30 34.53
N ASN A 585 36.95 19.18 34.89
CA ASN A 585 37.76 20.35 35.21
C ASN A 585 37.71 21.36 34.07
N GLU A 586 37.78 22.64 34.43
CA GLU A 586 37.75 23.71 33.45
C GLU A 586 38.92 23.58 32.47
N ALA A 587 39.85 22.68 32.78
CA ALA A 587 40.93 22.34 31.86
C ALA A 587 41.44 20.94 32.18
N PRO A 588 41.85 20.17 31.17
CA PRO A 588 42.38 18.83 31.42
C PRO A 588 43.54 18.86 32.41
N ASN A 589 43.62 17.86 33.28
CA ASN A 589 44.65 17.85 34.32
C ASN A 589 46.06 17.91 33.75
N GLU A 590 46.24 17.37 32.55
CA GLU A 590 47.54 17.40 31.88
C GLU A 590 47.83 18.78 31.31
N TYR A 591 46.77 19.55 31.05
CA TYR A 591 46.91 20.91 30.53
C TYR A 591 46.42 21.94 31.54
N GLU A 592 46.31 21.54 32.80
CA GLU A 592 45.88 22.44 33.85
C GLU A 592 46.89 23.58 33.98
N ASP A 593 48.14 23.21 34.26
CA ASP A 593 49.21 24.19 34.42
C ASP A 593 49.42 24.97 33.13
N MET A 594 49.20 24.31 32.00
CA MET A 594 49.44 24.92 30.70
C MET A 594 48.39 25.99 30.41
N CYS A 595 47.14 25.72 30.77
CA CYS A 595 46.07 26.70 30.59
C CYS A 595 46.25 27.86 31.56
N LYS A 596 46.79 27.54 32.74
CA LYS A 596 47.28 28.58 33.63
C LYS A 596 48.56 29.13 33.02
N LYS A 597 49.13 30.15 33.63
CA LYS A 597 50.39 30.70 33.15
C LYS A 597 50.30 31.04 31.67
N CYS A 598 49.23 31.75 31.29
CA CYS A 598 49.10 32.24 29.92
C CYS A 598 49.89 33.53 29.74
N ASP A 599 51.12 33.54 30.26
CA ASP A 599 51.98 34.70 30.20
C ASP A 599 53.03 34.52 29.12
N GLU A 600 53.34 33.26 28.81
CA GLU A 600 54.34 32.94 27.80
C GLU A 600 53.90 33.48 26.43
#